data_6PX5
#
_entry.id   6PX5
#
_cell.length_a   100.134
_cell.length_b   100.134
_cell.length_c   118.679
_cell.angle_alpha   90.000
_cell.angle_beta   90.000
_cell.angle_gamma   120.000
#
_symmetry.space_group_name_H-M   'P 32 2 1'
#
loop_
_entity.id
_entity.type
_entity.pdbx_description
1 polymer Prothrombin
2 polymer Prothrombin
3 branched 2-acetamido-2-deoxy-beta-D-glucopyranose-(1-4)-2-acetamido-2-deoxy-beta-D-glucopyranose
4 non-polymer 'ZINC ION'
5 non-polymer D-phenylalanyl-N-[(2S,3S)-6-{[amino(iminio)methyl]amino}-1-chloro-2-hydroxyhexan-3-yl]-L-prolinamide
6 non-polymer 'SODIUM ION'
7 water water
#
loop_
_entity_poly.entity_id
_entity_poly.type
_entity_poly.pdbx_seq_one_letter_code
_entity_poly.pdbx_strand_id
1 'polypeptide(L)'
;QCVPDRGQQYQGRLAVTTHGLPCLAWASAQAKALSKHQDFNSAVQLVENFCRNPDGDEEGVWCYVAGKPGDFGYCDLNYC
EEAVEEETGDGLDEDSDRAIEGRTATSEYQTFFNPRTFGSGEADCGLRPLFEKKSLEDKTERELLESYIDGR
;
X
2 'polypeptide(L)'
;IVEGSDAEIGMSPWQVMLFRKSPQELLCGASLISDRWVLTAAHCLLYPPWDKNFTENDLLVRIGKHSRTRYERNIEKISM
LEKIYIHPRYNWRENLDRDIALMKLKKPVAFSDYIHPVCLPDRETAASLLQAGYKGRVTGWGNLKETWTANVGKGQPSVL
QVVNLPIVERPVCKDSTRIRITDNMFCAGYKPDEGKRGDACEGDAGGPFVMKSPFNNRWYQMGIVSWGEGCDRDGKYGFY
THVFRLKKWIQKVIDQFGE
;
B
#
# COMPACT_ATOMS: atom_id res chain seq x y z
N GLN A 1 -21.90 -29.88 11.55
CA GLN A 1 -20.51 -29.67 12.04
C GLN A 1 -19.89 -28.47 11.32
N CYS A 2 -19.13 -28.67 10.23
CA CYS A 2 -18.17 -27.63 9.75
C CYS A 2 -18.90 -26.47 9.08
N VAL A 3 -18.23 -25.30 8.98
CA VAL A 3 -18.80 -23.94 8.72
C VAL A 3 -18.30 -23.39 7.38
N PRO A 4 -19.23 -23.08 6.44
CA PRO A 4 -18.88 -22.69 5.09
C PRO A 4 -18.60 -21.19 4.97
N ASP A 5 -18.20 -20.75 3.78
CA ASP A 5 -18.17 -19.31 3.37
C ASP A 5 -17.35 -18.54 4.43
N ARG A 6 -16.30 -19.16 4.94
CA ARG A 6 -15.43 -18.56 5.98
C ARG A 6 -16.26 -17.69 6.96
N GLY A 7 -17.41 -18.20 7.41
CA GLY A 7 -18.19 -17.62 8.51
C GLY A 7 -19.21 -16.60 8.04
N GLN A 8 -19.36 -16.42 6.73
CA GLN A 8 -20.24 -15.34 6.21
C GLN A 8 -21.70 -15.59 6.61
N GLN A 9 -22.08 -16.84 6.92
CA GLN A 9 -23.48 -17.25 7.24
C GLN A 9 -23.69 -17.40 8.75
N TYR A 10 -22.61 -17.35 9.53
CA TYR A 10 -22.62 -17.68 10.98
C TYR A 10 -23.59 -16.75 11.70
N GLN A 11 -24.37 -17.30 12.62
CA GLN A 11 -25.33 -16.53 13.46
C GLN A 11 -25.15 -16.90 14.94
N GLY A 12 -24.13 -17.69 15.30
CA GLY A 12 -23.87 -18.13 16.69
C GLY A 12 -23.53 -16.97 17.63
N ARG A 13 -23.27 -17.28 18.91
CA ARG A 13 -23.15 -16.28 20.01
C ARG A 13 -21.70 -16.22 20.52
N LEU A 14 -20.73 -16.78 19.78
CA LEU A 14 -19.28 -16.76 20.15
C LEU A 14 -18.80 -15.29 20.23
N ALA A 15 -18.34 -14.85 21.40
CA ALA A 15 -18.10 -13.43 21.77
C ALA A 15 -16.72 -13.30 22.41
N VAL A 16 -15.77 -14.12 21.99
CA VAL A 16 -14.37 -14.07 22.53
C VAL A 16 -13.44 -14.46 21.38
N THR A 17 -12.35 -13.73 21.21
CA THR A 17 -11.32 -14.01 20.18
C THR A 17 -10.44 -15.20 20.58
N THR A 18 -9.48 -15.49 19.71
CA THR A 18 -8.49 -16.58 19.71
C THR A 18 -7.36 -16.27 20.71
N HIS A 19 -7.17 -15.00 21.08
CA HIS A 19 -6.22 -14.59 22.16
C HIS A 19 -6.97 -14.52 23.50
N GLY A 20 -8.17 -15.08 23.53
CA GLY A 20 -9.10 -15.04 24.67
C GLY A 20 -9.60 -13.65 24.99
N LEU A 21 -9.72 -12.73 24.02
CA LEU A 21 -10.19 -11.34 24.28
C LEU A 21 -11.71 -11.25 24.10
N PRO A 22 -12.42 -10.53 25.00
CA PRO A 22 -13.85 -10.31 24.87
C PRO A 22 -14.19 -9.35 23.72
N CYS A 23 -15.06 -9.76 22.80
CA CYS A 23 -15.60 -8.91 21.72
C CYS A 23 -16.35 -7.71 22.31
N LEU A 24 -16.05 -6.50 21.83
CA LEU A 24 -16.86 -5.27 22.05
C LEU A 24 -18.15 -5.36 21.22
N ALA A 25 -19.16 -4.59 21.60
CA ALA A 25 -20.44 -4.49 20.83
C ALA A 25 -20.17 -3.85 19.48
N TRP A 26 -20.69 -4.45 18.41
CA TRP A 26 -20.79 -3.83 17.07
C TRP A 26 -21.33 -2.41 17.17
N ALA A 27 -22.24 -2.15 18.14
CA ALA A 27 -23.02 -0.89 18.24
C ALA A 27 -22.32 0.12 19.14
N SER A 28 -21.17 -0.23 19.75
CA SER A 28 -20.42 0.65 20.68
C SER A 28 -19.73 1.78 19.91
N ALA A 29 -19.38 2.87 20.59
CA ALA A 29 -18.74 4.07 20.00
C ALA A 29 -17.45 3.64 19.26
N GLN A 30 -16.49 3.07 20.00
CA GLN A 30 -15.14 2.68 19.51
C GLN A 30 -15.24 1.72 18.31
N ALA A 31 -16.33 0.97 18.17
CA ALA A 31 -16.55 -0.01 17.08
C ALA A 31 -17.17 0.67 15.84
N LYS A 32 -18.12 1.59 16.07
CA LYS A 32 -18.81 2.34 14.99
C LYS A 32 -17.78 3.24 14.30
N ALA A 33 -16.92 3.87 15.11
CA ALA A 33 -15.75 4.68 14.69
C ALA A 33 -14.85 3.86 13.75
N LEU A 34 -14.43 2.66 14.15
CA LEU A 34 -13.50 1.83 13.33
C LEU A 34 -14.22 1.28 12.09
N SER A 35 -15.54 1.38 11.99
CA SER A 35 -16.32 0.75 10.90
C SER A 35 -16.67 1.78 9.81
N LYS A 36 -16.50 3.08 10.11
CA LYS A 36 -16.96 4.19 9.25
C LYS A 36 -16.53 3.95 7.80
N HIS A 37 -15.26 3.64 7.56
CA HIS A 37 -14.65 3.71 6.21
C HIS A 37 -14.57 2.30 5.57
N GLN A 38 -15.08 1.28 6.27
CA GLN A 38 -15.10 -0.15 5.80
C GLN A 38 -16.40 -0.44 5.02
N ASP A 39 -16.39 -1.50 4.22
CA ASP A 39 -17.46 -1.88 3.26
C ASP A 39 -18.05 -3.23 3.70
N PHE A 40 -19.03 -3.20 4.59
CA PHE A 40 -19.69 -4.40 5.19
C PHE A 40 -20.81 -4.91 4.30
N ASN A 41 -21.01 -6.23 4.28
CA ASN A 41 -22.18 -6.90 3.66
C ASN A 41 -23.38 -6.73 4.61
N SER A 42 -24.45 -6.10 4.13
CA SER A 42 -25.65 -5.72 4.93
C SER A 42 -26.40 -6.98 5.38
N ALA A 43 -26.43 -8.00 4.52
CA ALA A 43 -26.94 -9.37 4.79
C ALA A 43 -26.44 -9.85 6.16
N VAL A 44 -25.17 -9.59 6.48
CA VAL A 44 -24.51 -10.12 7.71
C VAL A 44 -24.95 -9.29 8.91
N GLN A 45 -25.67 -9.92 9.86
CA GLN A 45 -26.28 -9.24 11.02
C GLN A 45 -25.22 -9.00 12.09
N LEU A 46 -24.93 -7.73 12.36
CA LEU A 46 -23.98 -7.30 13.42
C LEU A 46 -24.75 -7.23 14.73
N VAL A 47 -25.01 -8.40 15.30
CA VAL A 47 -25.78 -8.59 16.56
C VAL A 47 -24.83 -8.51 17.76
N GLU A 48 -25.18 -7.71 18.76
CA GLU A 48 -24.61 -7.78 20.13
C GLU A 48 -23.09 -7.61 20.04
N ASN A 49 -22.33 -8.66 20.38
CA ASN A 49 -20.85 -8.68 20.26
C ASN A 49 -20.39 -10.04 19.73
N PHE A 50 -21.10 -10.58 18.73
CA PHE A 50 -20.83 -11.93 18.16
C PHE A 50 -19.91 -11.78 16.95
N CYS A 51 -18.79 -12.49 16.99
CA CYS A 51 -17.86 -12.69 15.86
C CYS A 51 -18.67 -12.89 14.58
N ARG A 52 -18.65 -11.92 13.68
CA ARG A 52 -19.22 -12.03 12.31
C ARG A 52 -18.08 -11.82 11.31
N ASN A 53 -18.34 -12.05 10.02
CA ASN A 53 -17.40 -11.76 8.91
C ASN A 53 -18.12 -10.84 7.91
N PRO A 54 -18.37 -9.55 8.25
CA PRO A 54 -19.23 -8.68 7.44
C PRO A 54 -18.60 -8.29 6.10
N ASP A 55 -17.28 -8.22 6.10
CA ASP A 55 -16.45 -7.66 4.99
C ASP A 55 -15.84 -8.78 4.14
N GLY A 56 -16.29 -10.02 4.28
CA GLY A 56 -15.78 -11.19 3.54
C GLY A 56 -14.28 -11.43 3.75
N ASP A 57 -13.74 -11.10 4.93
CA ASP A 57 -12.33 -11.41 5.28
C ASP A 57 -12.15 -12.91 5.11
N GLU A 58 -11.19 -13.35 4.31
CA GLU A 58 -11.08 -14.81 4.04
C GLU A 58 -10.34 -15.50 5.20
N GLU A 59 -9.96 -14.76 6.25
CA GLU A 59 -9.45 -15.38 7.49
C GLU A 59 -10.65 -15.81 8.34
N GLY A 60 -11.77 -15.10 8.25
CA GLY A 60 -13.03 -15.59 8.85
C GLY A 60 -13.68 -14.57 9.76
N VAL A 61 -14.55 -15.04 10.63
CA VAL A 61 -15.28 -14.18 11.60
C VAL A 61 -14.27 -13.56 12.57
N TRP A 62 -14.60 -12.34 12.99
CA TRP A 62 -13.79 -11.50 13.92
C TRP A 62 -14.73 -10.56 14.67
N CYS A 63 -14.16 -9.67 15.47
CA CYS A 63 -14.89 -8.62 16.22
C CYS A 63 -13.89 -7.61 16.79
N TYR A 64 -14.31 -6.36 16.92
CA TYR A 64 -13.49 -5.31 17.59
C TYR A 64 -13.25 -5.76 19.04
N VAL A 65 -12.12 -5.34 19.58
CA VAL A 65 -11.61 -5.79 20.91
C VAL A 65 -11.21 -4.56 21.72
N ALA A 66 -10.85 -3.48 21.04
CA ALA A 66 -10.63 -2.12 21.62
C ALA A 66 -10.91 -1.13 20.48
N GLY A 67 -10.37 0.09 20.52
CA GLY A 67 -10.86 1.20 19.67
C GLY A 67 -9.82 1.79 18.75
N LYS A 68 -8.54 1.50 18.96
CA LYS A 68 -7.42 2.05 18.15
C LYS A 68 -7.28 1.14 16.92
N PRO A 69 -6.63 1.59 15.82
CA PRO A 69 -6.48 0.75 14.64
C PRO A 69 -5.67 -0.52 14.97
N GLY A 70 -6.08 -1.64 14.39
CA GLY A 70 -5.51 -2.98 14.66
C GLY A 70 -6.14 -3.72 15.84
N ASP A 71 -7.06 -3.09 16.59
CA ASP A 71 -7.63 -3.62 17.86
C ASP A 71 -8.85 -4.49 17.52
N PHE A 72 -8.61 -5.58 16.81
CA PHE A 72 -9.60 -6.61 16.41
C PHE A 72 -8.89 -7.97 16.46
N GLY A 73 -9.68 -9.03 16.62
CA GLY A 73 -9.21 -10.43 16.65
C GLY A 73 -10.20 -11.36 15.96
N TYR A 74 -9.67 -12.46 15.45
CA TYR A 74 -10.43 -13.59 14.86
C TYR A 74 -10.93 -14.53 15.97
N CYS A 75 -11.89 -15.40 15.63
CA CYS A 75 -12.60 -16.30 16.56
C CYS A 75 -12.56 -17.72 15.99
N ASP A 76 -12.42 -18.72 16.86
CA ASP A 76 -12.21 -20.13 16.44
C ASP A 76 -13.55 -20.80 16.12
N LEU A 77 -13.92 -20.84 14.84
CA LEU A 77 -15.00 -21.70 14.27
C LEU A 77 -14.34 -22.80 13.45
N ASN A 78 -15.06 -23.90 13.21
CA ASN A 78 -14.56 -25.08 12.47
C ASN A 78 -14.94 -24.96 10.99
N TYR A 79 -14.20 -24.17 10.22
CA TYR A 79 -14.41 -23.94 8.77
C TYR A 79 -14.09 -25.24 8.04
N CYS A 80 -14.94 -25.67 7.10
CA CYS A 80 -14.64 -26.79 6.17
C CYS A 80 -13.53 -26.34 5.22
N GLU A 81 -13.62 -25.05 4.86
CA GLU A 81 -12.72 -24.72 3.74
C GLU A 81 -11.65 -23.70 4.10
N GLU A 82 -10.40 -24.09 3.98
CA GLU A 82 -9.40 -23.03 4.01
C GLU A 82 -9.67 -22.34 2.68
N ALA A 83 -9.91 -21.02 2.68
CA ALA A 83 -10.24 -20.21 1.48
C ALA A 83 -9.24 -20.49 0.36
N VAL A 84 -9.72 -20.72 -0.85
CA VAL A 84 -8.87 -20.99 -2.05
C VAL A 84 -7.96 -19.78 -2.28
N GLU A 85 -6.62 -19.94 -2.21
CA GLU A 85 -5.57 -18.87 -2.31
C GLU A 85 -5.49 -18.34 -3.75
N GLU A 86 -6.24 -17.33 -4.02
CA GLU A 86 -6.26 -16.71 -5.36
C GLU A 86 -4.91 -16.07 -5.66
N GLU A 87 -4.58 -15.96 -6.94
CA GLU A 87 -3.30 -15.33 -7.35
C GLU A 87 -3.48 -13.81 -7.29
N THR A 88 -2.38 -13.09 -7.27
CA THR A 88 -2.31 -11.61 -7.14
C THR A 88 -3.27 -10.84 -8.06
N GLY A 89 -3.45 -11.29 -9.30
CA GLY A 89 -4.32 -10.57 -10.24
C GLY A 89 -5.66 -11.22 -10.45
N ASP A 90 -6.09 -12.31 -9.67
CA ASP A 90 -7.40 -13.00 -9.76
C ASP A 90 -8.39 -12.48 -8.71
N GLY A 91 -9.69 -12.63 -9.00
CA GLY A 91 -10.80 -12.40 -8.06
C GLY A 91 -10.98 -10.93 -7.74
N LEU A 92 -10.42 -10.06 -8.61
CA LEU A 92 -10.32 -8.59 -8.42
C LEU A 92 -11.70 -7.99 -8.67
N ASP A 93 -12.41 -7.62 -7.60
CA ASP A 93 -13.83 -7.18 -7.65
C ASP A 93 -13.90 -5.92 -8.54
N GLU A 94 -15.10 -5.45 -8.89
CA GLU A 94 -15.27 -4.27 -9.76
C GLU A 94 -15.31 -3.03 -8.87
N ASP A 95 -14.85 -1.88 -9.37
CA ASP A 95 -14.76 -0.64 -8.54
C ASP A 95 -15.65 0.47 -9.09
N SER A 96 -15.94 0.43 -10.40
CA SER A 96 -16.73 1.48 -11.08
C SER A 96 -18.11 1.77 -10.48
N ASP A 97 -19.04 0.81 -10.61
CA ASP A 97 -20.48 1.04 -10.31
C ASP A 97 -20.89 2.17 -11.26
N ARG A 98 -20.52 2.00 -12.54
CA ARG A 98 -20.81 2.95 -13.64
C ARG A 98 -21.03 2.16 -14.93
N TYR A 109 -8.96 7.27 -20.31
CA TYR A 109 -8.95 7.21 -18.82
C TYR A 109 -10.30 7.68 -18.27
N GLN A 110 -10.76 7.06 -17.18
CA GLN A 110 -12.01 7.43 -16.44
C GLN A 110 -11.65 7.71 -14.97
N THR A 111 -12.33 8.70 -14.38
CA THR A 111 -12.08 9.20 -13.00
C THR A 111 -12.92 8.39 -12.01
N PHE A 112 -12.38 8.21 -10.80
CA PHE A 112 -12.93 7.39 -9.70
C PHE A 112 -13.33 8.28 -8.52
N PHE A 113 -12.64 9.41 -8.29
CA PHE A 113 -12.75 10.20 -7.03
C PHE A 113 -13.55 11.48 -7.25
N ASN A 114 -13.79 12.20 -6.17
CA ASN A 114 -14.63 13.41 -6.15
C ASN A 114 -13.73 14.62 -5.89
N PRO A 115 -13.57 15.47 -6.92
CA PRO A 115 -12.65 16.61 -6.88
C PRO A 115 -12.77 17.52 -5.66
N ARG A 116 -13.98 17.65 -5.10
CA ARG A 116 -14.28 18.45 -3.89
C ARG A 116 -13.33 17.99 -2.77
N THR A 117 -13.30 16.69 -2.47
CA THR A 117 -12.56 16.11 -1.32
C THR A 117 -11.16 15.69 -1.73
N PHE A 118 -11.00 15.16 -2.95
CA PHE A 118 -9.75 14.56 -3.50
C PHE A 118 -8.76 15.67 -3.89
N GLY A 119 -9.28 16.77 -4.44
CA GLY A 119 -8.52 17.88 -5.02
C GLY A 119 -8.39 17.68 -6.51
N SER A 120 -7.45 18.36 -7.16
CA SER A 120 -7.20 18.22 -8.62
C SER A 120 -6.04 17.23 -8.83
N GLY A 121 -5.95 16.68 -10.05
CA GLY A 121 -4.79 15.90 -10.52
C GLY A 121 -5.14 14.51 -11.02
N GLU A 122 -6.37 14.02 -10.81
CA GLU A 122 -6.70 12.61 -11.12
C GLU A 122 -6.64 12.37 -12.63
N ALA A 123 -7.30 13.22 -13.40
CA ALA A 123 -7.41 13.09 -14.87
C ALA A 123 -6.02 13.09 -15.52
N ASP A 124 -5.02 13.73 -14.88
CA ASP A 124 -3.64 13.96 -15.38
C ASP A 124 -2.66 12.94 -14.76
N CYS A 125 -3.10 12.04 -13.88
CA CYS A 125 -2.21 11.23 -13.01
C CYS A 125 -1.25 10.40 -13.89
N GLY A 126 -0.04 10.12 -13.40
CA GLY A 126 0.80 9.05 -13.95
C GLY A 126 1.51 9.37 -15.27
N LEU A 127 1.13 10.46 -15.95
CA LEU A 127 1.84 11.03 -17.13
C LEU A 127 2.89 12.05 -16.62
N ARG A 128 4.18 11.72 -16.75
CA ARG A 128 5.29 12.57 -16.20
C ARG A 128 5.63 13.70 -17.15
N PRO A 129 5.67 14.97 -16.68
CA PRO A 129 5.96 16.12 -17.53
C PRO A 129 7.35 16.10 -18.21
N LEU A 130 8.37 15.51 -17.57
CA LEU A 130 9.75 15.42 -18.12
C LEU A 130 9.96 14.16 -18.97
N PHE A 131 8.92 13.39 -19.31
CA PHE A 131 9.06 12.13 -20.08
C PHE A 131 7.85 11.91 -20.99
N GLU A 132 6.78 11.33 -20.49
CA GLU A 132 5.60 10.91 -21.31
C GLU A 132 4.99 12.15 -21.99
N LYS A 133 5.10 13.34 -21.40
CA LYS A 133 4.62 14.61 -22.02
C LYS A 133 5.56 15.02 -23.17
N LYS A 134 6.83 14.62 -23.13
CA LYS A 134 7.88 15.06 -24.09
C LYS A 134 8.43 13.87 -24.89
N SER A 135 7.72 12.73 -24.92
CA SER A 135 8.09 11.51 -25.69
C SER A 135 9.54 11.09 -25.44
N LEU A 136 10.01 11.18 -24.19
CA LEU A 136 11.35 10.70 -23.76
C LEU A 136 11.19 9.44 -22.91
N GLU A 137 11.72 8.30 -23.37
CA GLU A 137 11.88 7.06 -22.56
C GLU A 137 12.85 7.37 -21.41
N ASP A 138 12.74 6.69 -20.29
CA ASP A 138 13.74 6.74 -19.19
C ASP A 138 14.66 5.52 -19.32
N LYS A 139 15.78 5.53 -18.61
CA LYS A 139 16.88 4.54 -18.76
C LYS A 139 16.28 3.14 -18.80
N THR A 140 15.47 2.78 -17.80
CA THR A 140 15.09 1.39 -17.47
C THR A 140 13.67 1.03 -17.95
N GLU A 141 12.81 1.99 -18.32
CA GLU A 141 11.35 1.67 -18.50
C GLU A 141 11.17 0.61 -19.61
N ARG A 142 12.18 0.47 -20.47
CA ARG A 142 12.28 -0.62 -21.50
C ARG A 142 12.09 -1.98 -20.81
N GLU A 143 12.84 -2.24 -19.73
CA GLU A 143 12.85 -3.54 -19.00
C GLU A 143 11.41 -3.93 -18.60
N LEU A 144 10.62 -2.97 -18.10
CA LEU A 144 9.22 -3.18 -17.63
C LEU A 144 8.32 -3.63 -18.79
N LEU A 145 8.37 -2.90 -19.90
CA LEU A 145 7.46 -3.08 -21.05
C LEU A 145 7.84 -4.38 -21.76
N GLU A 146 9.12 -4.73 -21.72
CA GLU A 146 9.68 -6.03 -22.20
C GLU A 146 9.03 -7.18 -21.42
N SER A 147 8.90 -7.05 -20.09
CA SER A 147 8.42 -8.11 -19.17
C SER A 147 6.90 -8.29 -19.24
N TYR A 148 6.15 -7.36 -19.82
CA TYR A 148 4.65 -7.39 -19.86
C TYR A 148 4.12 -8.18 -21.06
N ILE A 149 4.99 -8.74 -21.91
CA ILE A 149 4.59 -9.49 -23.14
C ILE A 149 4.16 -10.91 -22.73
N ASP A 150 4.90 -11.57 -21.84
CA ASP A 150 4.60 -12.96 -21.36
C ASP A 150 4.39 -12.94 -19.84
N ILE B 1 17.51 0.87 -1.10
CA ILE B 1 17.53 0.06 -2.34
C ILE B 1 18.88 -0.64 -2.41
N VAL B 2 18.88 -1.92 -2.72
CA VAL B 2 20.09 -2.77 -2.89
C VAL B 2 20.09 -3.26 -4.34
N GLU B 3 21.22 -3.12 -5.04
CA GLU B 3 21.48 -3.66 -6.40
C GLU B 3 20.62 -2.92 -7.43
N GLY B 4 20.44 -1.61 -7.22
CA GLY B 4 19.70 -0.71 -8.14
C GLY B 4 20.68 0.12 -8.97
N SER B 5 20.15 0.94 -9.89
CA SER B 5 20.94 1.85 -10.75
C SER B 5 20.65 3.30 -10.35
N ASP B 6 21.17 4.27 -11.11
CA ASP B 6 21.01 5.72 -10.83
C ASP B 6 19.67 6.21 -11.39
N ALA B 7 18.85 6.84 -10.57
CA ALA B 7 17.58 7.46 -11.00
C ALA B 7 17.93 8.69 -11.82
N GLU B 8 17.07 9.02 -12.78
CA GLU B 8 17.13 10.27 -13.58
C GLU B 8 16.30 11.34 -12.86
N ILE B 9 16.31 12.57 -13.38
CA ILE B 9 15.61 13.75 -12.79
C ILE B 9 14.12 13.64 -13.10
N GLY B 10 13.26 13.87 -12.10
CA GLY B 10 11.79 13.81 -12.25
C GLY B 10 11.32 12.49 -12.83
N MET B 11 12.08 11.42 -12.61
CA MET B 11 11.75 10.01 -12.99
C MET B 11 10.55 9.55 -12.15
N SER B 12 10.45 10.04 -10.90
CA SER B 12 9.44 9.66 -9.89
C SER B 12 8.79 10.91 -9.28
N PRO B 13 8.06 11.73 -10.07
CA PRO B 13 7.52 12.99 -9.55
C PRO B 13 6.54 12.81 -8.38
N TRP B 14 5.96 11.62 -8.24
CA TRP B 14 5.04 11.24 -7.15
C TRP B 14 5.82 10.93 -5.87
N GLN B 15 7.09 10.55 -5.96
CA GLN B 15 7.84 10.10 -4.77
C GLN B 15 7.77 11.20 -3.71
N VAL B 16 7.27 10.86 -2.53
CA VAL B 16 7.13 11.78 -1.37
C VAL B 16 7.96 11.21 -0.23
N MET B 17 8.85 11.99 0.39
CA MET B 17 9.63 11.51 1.57
C MET B 17 8.99 12.02 2.86
N LEU B 18 8.91 11.15 3.87
CA LEU B 18 8.33 11.46 5.20
C LEU B 18 9.44 11.57 6.24
N PHE B 19 9.45 12.67 7.00
CA PHE B 19 10.49 12.98 8.00
C PHE B 19 9.79 13.21 9.33
N ARG B 20 10.40 12.87 10.39
CA ARG B 20 10.02 13.17 11.79
C ARG B 20 10.58 14.56 12.04
N LYS B 21 9.80 15.46 12.63
CA LYS B 21 10.24 16.82 12.91
C LYS B 21 11.47 16.80 13.81
N SER B 22 11.29 16.44 15.08
CA SER B 22 12.35 16.52 16.08
C SER B 22 12.80 15.14 16.53
N PRO B 23 14.00 14.67 16.13
CA PRO B 23 15.01 15.27 15.26
C PRO B 23 14.72 15.04 13.77
N GLN B 24 15.21 15.89 12.88
CA GLN B 24 15.06 15.68 11.44
C GLN B 24 15.55 14.29 11.07
N GLU B 25 14.61 13.41 10.71
CA GLU B 25 14.87 11.97 10.63
C GLU B 25 13.98 11.38 9.55
N LEU B 26 14.58 10.68 8.58
CA LEU B 26 13.78 10.06 7.51
C LEU B 26 13.08 8.82 8.04
N LEU B 27 11.80 8.69 7.70
CA LEU B 27 11.02 7.54 8.13
C LEU B 27 10.67 6.61 6.97
N CYS B 28 10.07 7.06 5.97
CA CYS B 28 9.46 6.23 4.92
C CYS B 28 9.27 6.98 3.61
N GLY B 29 9.11 6.21 2.53
CA GLY B 29 8.58 6.70 1.25
C GLY B 29 7.08 6.73 1.28
N ALA B 30 6.49 7.43 0.32
CA ALA B 30 5.03 7.59 0.16
C ALA B 30 4.81 8.05 -1.28
N SER B 31 3.56 8.22 -1.70
CA SER B 31 3.21 8.71 -3.06
C SER B 31 2.08 9.73 -2.98
N LEU B 32 2.14 10.67 -3.90
CA LEU B 32 1.18 11.78 -4.09
C LEU B 32 0.17 11.27 -5.09
N ILE B 33 -1.12 11.23 -4.74
CA ILE B 33 -2.16 10.68 -5.66
C ILE B 33 -3.10 11.81 -6.11
N SER B 34 -2.98 12.99 -5.52
CA SER B 34 -3.70 14.25 -5.86
C SER B 34 -2.86 15.43 -5.38
N ASP B 35 -3.38 16.66 -5.46
CA ASP B 35 -2.65 17.85 -4.94
C ASP B 35 -2.57 17.81 -3.41
N ARG B 36 -3.35 16.97 -2.71
CA ARG B 36 -3.40 17.05 -1.22
C ARG B 36 -3.39 15.69 -0.51
N TRP B 37 -3.49 14.56 -1.23
CA TRP B 37 -3.62 13.21 -0.63
C TRP B 37 -2.35 12.38 -0.86
N VAL B 38 -1.85 11.77 0.22
CA VAL B 38 -0.56 11.02 0.23
C VAL B 38 -0.82 9.66 0.84
N LEU B 39 -0.46 8.63 0.07
CA LEU B 39 -0.64 7.20 0.33
C LEU B 39 0.68 6.70 0.88
N THR B 40 0.65 5.93 1.96
CA THR B 40 1.86 5.30 2.55
C THR B 40 1.49 4.01 3.29
N ALA B 41 2.49 3.30 3.78
CA ALA B 41 2.33 2.13 4.66
C ALA B 41 1.92 2.59 6.07
N ALA B 42 0.94 1.90 6.67
CA ALA B 42 0.55 2.06 8.09
C ALA B 42 1.79 1.95 8.98
N HIS B 43 2.69 1.01 8.67
CA HIS B 43 3.81 0.64 9.58
C HIS B 43 4.81 1.80 9.73
N CYS B 44 4.70 2.85 8.88
CA CYS B 44 5.59 4.05 8.91
C CYS B 44 5.20 4.99 10.04
N LEU B 45 3.90 4.97 10.41
CA LEU B 45 3.27 5.85 11.42
C LEU B 45 3.00 5.08 12.71
N LEU B 46 2.70 3.77 12.61
CA LEU B 46 2.18 2.98 13.78
C LEU B 46 2.80 1.59 13.82
N TYR B 47 3.59 1.31 14.86
CA TYR B 47 4.09 -0.07 15.14
C TYR B 47 4.50 -0.14 16.60
N PRO B 48 3.55 -0.38 17.53
CA PRO B 48 3.86 -0.48 18.96
C PRO B 48 4.91 -1.52 19.36
N PRO B 49 5.08 -2.65 18.67
CA PRO B 49 6.16 -3.58 19.01
C PRO B 49 7.51 -2.83 19.10
N TRP B 50 7.61 -1.69 18.39
CA TRP B 50 8.81 -0.81 18.35
C TRP B 50 8.51 0.54 19.03
N ASP B 51 7.35 0.70 19.66
CA ASP B 51 6.94 1.95 20.36
C ASP B 51 6.94 3.12 19.36
N LYS B 52 6.39 2.88 18.16
CA LYS B 52 6.29 3.87 17.05
C LYS B 52 4.82 4.23 16.87
N ASN B 53 4.42 5.43 17.28
CA ASN B 53 3.03 5.96 17.18
C ASN B 53 3.11 7.43 16.79
N PHE B 54 3.40 7.73 15.53
CA PHE B 54 3.52 9.11 15.01
C PHE B 54 2.14 9.71 14.73
N THR B 55 2.08 11.05 14.76
CA THR B 55 0.87 11.87 14.52
C THR B 55 1.24 13.08 13.67
N GLU B 56 0.17 13.71 13.14
CA GLU B 56 0.19 14.90 12.24
C GLU B 56 1.37 15.81 12.57
N ASN B 57 1.46 16.29 13.81
CA ASN B 57 2.34 17.41 14.23
C ASN B 57 3.72 16.89 14.71
N ASP B 58 4.10 15.65 14.32
CA ASP B 58 5.42 15.12 14.70
C ASP B 58 6.17 14.84 13.39
N LEU B 59 5.44 15.04 12.29
CA LEU B 59 5.86 14.57 10.95
C LEU B 59 5.90 15.70 9.93
N LEU B 60 6.85 15.58 9.02
CA LEU B 60 7.12 16.52 7.91
C LEU B 60 7.11 15.70 6.62
N VAL B 61 6.70 16.30 5.51
CA VAL B 61 6.79 15.66 4.17
C VAL B 61 7.60 16.58 3.23
N ARG B 62 8.52 15.99 2.44
CA ARG B 62 9.27 16.66 1.35
C ARG B 62 8.91 16.04 0.00
N ILE B 63 8.74 16.89 -1.01
CA ILE B 63 8.29 16.53 -2.40
C ILE B 63 9.17 17.28 -3.40
N GLY B 64 9.34 16.73 -4.61
CA GLY B 64 10.00 17.38 -5.75
C GLY B 64 11.46 16.99 -5.85
N LYS B 65 12.23 17.74 -6.66
CA LYS B 65 13.62 17.48 -7.11
C LYS B 65 14.47 17.28 -5.84
N HIS B 66 15.07 16.11 -5.64
CA HIS B 66 15.51 15.62 -4.28
C HIS B 66 16.75 16.38 -3.84
N SER B 67 17.05 17.43 -4.63
CA SER B 67 18.19 18.37 -4.60
C SER B 67 19.41 17.64 -5.12
N ARG B 68 19.59 17.60 -6.45
CA ARG B 68 20.81 16.99 -7.05
C ARG B 68 21.94 17.69 -6.30
N THR B 69 22.55 17.01 -5.34
CA THR B 69 23.45 17.70 -4.38
C THR B 69 24.75 18.22 -4.97
N ARG B 70 24.65 19.23 -5.85
CA ARG B 70 25.86 19.92 -6.32
C ARG B 70 25.88 21.28 -5.60
N TYR B 71 25.30 21.32 -4.39
CA TYR B 71 25.00 22.51 -3.52
C TYR B 71 24.84 23.76 -4.40
N GLU B 72 23.74 23.65 -5.12
CA GLU B 72 23.20 24.64 -6.07
C GLU B 72 21.67 24.50 -6.01
N ARG B 73 21.07 25.49 -5.38
CA ARG B 73 19.62 25.82 -5.25
C ARG B 73 18.80 24.58 -4.86
N ASN B 74 18.16 24.63 -3.69
CA ASN B 74 17.28 23.56 -3.12
C ASN B 74 15.81 23.93 -3.40
N ILE B 75 15.03 23.00 -3.95
CA ILE B 75 13.58 23.19 -4.25
C ILE B 75 12.75 21.97 -3.81
N GLU B 76 13.33 21.07 -2.98
CA GLU B 76 12.53 19.97 -2.37
C GLU B 76 11.46 20.73 -1.57
N LYS B 77 10.19 20.62 -1.95
CA LYS B 77 9.14 21.43 -1.24
C LYS B 77 8.71 20.75 0.06
N ILE B 78 8.49 21.54 1.12
CA ILE B 78 8.11 21.07 2.48
C ILE B 78 6.62 21.33 2.73
N SER B 79 5.84 20.28 3.08
CA SER B 79 4.39 20.37 3.42
C SER B 79 4.13 19.75 4.80
N MET B 80 3.01 20.12 5.41
CA MET B 80 2.56 19.62 6.74
C MET B 80 1.27 18.81 6.56
N LEU B 81 0.91 17.97 7.54
CA LEU B 81 -0.26 17.06 7.44
C LEU B 81 -1.41 17.64 8.26
N GLU B 82 -2.59 17.76 7.66
CA GLU B 82 -3.86 18.04 8.37
C GLU B 82 -4.22 16.78 9.18
N LYS B 83 -4.46 15.66 8.49
CA LYS B 83 -5.03 14.42 9.08
C LYS B 83 -4.22 13.19 8.64
N ILE B 84 -4.08 12.19 9.52
CA ILE B 84 -3.62 10.82 9.18
C ILE B 84 -4.81 9.85 9.28
N TYR B 85 -4.90 8.90 8.36
CA TYR B 85 -5.92 7.83 8.34
C TYR B 85 -5.22 6.47 8.20
N ILE B 86 -5.07 5.75 9.31
CA ILE B 86 -4.57 4.34 9.35
C ILE B 86 -5.75 3.40 9.09
N HIS B 87 -5.61 2.42 8.19
CA HIS B 87 -6.65 1.38 8.00
C HIS B 87 -7.02 0.78 9.35
N PRO B 88 -8.32 0.81 9.71
CA PRO B 88 -8.80 0.42 11.04
C PRO B 88 -8.46 -1.00 11.51
N ARG B 89 -8.31 -1.93 10.57
CA ARG B 89 -7.97 -3.37 10.82
C ARG B 89 -6.62 -3.68 10.18
N TYR B 90 -5.69 -2.75 10.34
CA TYR B 90 -4.26 -2.93 10.03
C TYR B 90 -3.72 -3.92 11.06
N ASN B 91 -3.42 -5.13 10.62
CA ASN B 91 -3.27 -6.27 11.56
C ASN B 91 -1.83 -6.29 12.08
N TRP B 92 -1.46 -5.27 12.87
CA TRP B 92 -0.04 -5.02 13.19
C TRP B 92 0.48 -6.06 14.20
N ARG B 93 -0.42 -6.72 14.93
CA ARG B 93 -0.08 -7.72 15.98
C ARG B 93 0.30 -9.05 15.32
N GLU B 94 -0.10 -9.27 14.07
CA GLU B 94 -0.01 -10.60 13.41
C GLU B 94 0.96 -10.49 12.23
N ASN B 95 0.48 -10.11 11.05
CA ASN B 95 1.20 -10.19 9.75
C ASN B 95 1.13 -8.86 8.98
N LEU B 96 0.76 -7.77 9.65
CA LEU B 96 0.79 -6.43 9.01
C LEU B 96 -0.22 -6.38 7.84
N ASP B 97 -1.34 -7.11 7.94
CA ASP B 97 -2.36 -7.17 6.87
C ASP B 97 -3.01 -5.77 6.75
N ARG B 98 -3.24 -5.32 5.51
CA ARG B 98 -3.81 -3.97 5.22
C ARG B 98 -2.83 -2.92 5.74
N ASP B 99 -1.57 -3.05 5.31
CA ASP B 99 -0.47 -2.12 5.63
C ASP B 99 -0.63 -0.88 4.73
N ILE B 100 -1.55 0.00 5.11
CA ILE B 100 -1.93 1.16 4.27
C ILE B 100 -2.41 2.27 5.21
N ALA B 101 -1.98 3.48 4.91
CA ALA B 101 -2.36 4.72 5.60
C ALA B 101 -2.52 5.82 4.55
N LEU B 102 -3.46 6.75 4.76
CA LEU B 102 -3.59 8.02 4.00
C LEU B 102 -3.11 9.18 4.89
N MET B 103 -2.58 10.24 4.25
CA MET B 103 -2.19 11.50 4.91
C MET B 103 -2.72 12.66 4.05
N LYS B 104 -3.57 13.50 4.63
CA LYS B 104 -4.04 14.77 4.02
C LYS B 104 -3.00 15.85 4.28
N LEU B 105 -2.59 16.58 3.24
CA LEU B 105 -1.72 17.79 3.33
C LEU B 105 -2.52 18.98 3.88
N LYS B 106 -1.86 19.78 4.72
CA LYS B 106 -2.41 21.03 5.30
C LYS B 106 -2.82 21.92 4.11
N LYS B 107 -1.85 22.24 3.27
CA LYS B 107 -2.00 23.11 2.08
C LYS B 107 -1.83 22.28 0.82
N PRO B 108 -2.84 22.27 -0.08
CA PRO B 108 -2.70 21.64 -1.39
C PRO B 108 -1.43 22.16 -2.09
N VAL B 109 -0.70 21.27 -2.76
CA VAL B 109 0.59 21.55 -3.42
C VAL B 109 0.31 21.83 -4.91
N ALA B 110 1.18 22.61 -5.56
CA ALA B 110 1.10 22.96 -7.00
C ALA B 110 1.98 22.00 -7.79
N PHE B 111 1.53 21.57 -8.97
CA PHE B 111 2.23 20.59 -9.83
C PHE B 111 3.26 21.30 -10.69
N SER B 112 4.40 20.63 -10.86
CA SER B 112 5.55 21.09 -11.66
C SER B 112 6.11 19.90 -12.42
N ASP B 113 7.26 20.08 -13.07
CA ASP B 113 8.03 19.05 -13.80
C ASP B 113 8.54 17.99 -12.81
N TYR B 114 8.61 18.32 -11.51
CA TYR B 114 9.26 17.47 -10.48
C TYR B 114 8.21 16.97 -9.48
N ILE B 115 6.97 17.47 -9.55
CA ILE B 115 5.88 17.12 -8.58
C ILE B 115 4.59 16.89 -9.38
N HIS B 116 4.25 15.63 -9.62
CA HIS B 116 3.07 15.16 -10.37
C HIS B 116 2.58 13.88 -9.71
N PRO B 117 1.24 13.67 -9.62
CA PRO B 117 0.71 12.50 -8.94
C PRO B 117 0.69 11.26 -9.83
N VAL B 118 0.71 10.10 -9.15
CA VAL B 118 0.66 8.72 -9.73
C VAL B 118 -0.79 8.26 -9.73
N CYS B 119 -1.17 7.42 -10.69
CA CYS B 119 -2.54 6.86 -10.85
C CYS B 119 -2.76 5.68 -9.91
N LEU B 120 -4.00 5.53 -9.42
CA LEU B 120 -4.50 4.34 -8.69
C LEU B 120 -5.25 3.47 -9.70
N PRO B 121 -4.95 2.15 -9.78
CA PRO B 121 -5.38 1.33 -10.91
C PRO B 121 -6.87 1.02 -10.93
N ASP B 122 -7.47 0.89 -12.11
CA ASP B 122 -8.85 0.36 -12.29
C ASP B 122 -8.77 -1.17 -12.37
N ARG B 123 -9.95 -1.81 -12.34
CA ARG B 123 -10.11 -3.29 -12.37
C ARG B 123 -9.28 -3.86 -13.54
N GLU B 124 -9.45 -3.33 -14.77
CA GLU B 124 -8.83 -3.94 -15.98
C GLU B 124 -7.32 -3.77 -15.96
N THR B 125 -6.83 -2.63 -15.46
CA THR B 125 -5.38 -2.34 -15.37
C THR B 125 -4.73 -3.34 -14.41
N ALA B 126 -5.36 -3.57 -13.26
CA ALA B 126 -4.87 -4.47 -12.19
C ALA B 126 -4.85 -5.91 -12.72
N ALA B 127 -5.92 -6.32 -13.41
CA ALA B 127 -6.07 -7.67 -14.00
C ALA B 127 -4.98 -7.89 -15.05
N SER B 128 -4.68 -6.86 -15.84
CA SER B 128 -3.65 -6.87 -16.92
C SER B 128 -2.23 -6.95 -16.36
N LEU B 129 -1.89 -6.15 -15.35
CA LEU B 129 -0.47 -5.91 -14.96
C LEU B 129 -0.06 -6.82 -13.79
N LEU B 130 -1.00 -7.34 -13.02
CA LEU B 130 -0.67 -8.15 -11.83
C LEU B 130 -0.49 -9.60 -12.25
N GLN B 131 0.65 -9.89 -12.88
CA GLN B 131 1.04 -11.25 -13.33
C GLN B 131 2.44 -11.59 -12.84
N ALA B 132 2.63 -12.81 -12.36
CA ALA B 132 3.98 -13.32 -12.04
C ALA B 132 4.87 -13.01 -13.25
N GLY B 133 6.03 -12.42 -13.00
CA GLY B 133 7.06 -12.13 -14.01
C GLY B 133 7.01 -10.68 -14.50
N TYR B 134 5.83 -10.06 -14.51
CA TYR B 134 5.66 -8.62 -14.87
C TYR B 134 6.41 -7.79 -13.83
N LYS B 135 7.15 -6.79 -14.28
CA LYS B 135 8.11 -6.02 -13.45
C LYS B 135 7.44 -4.71 -13.06
N GLY B 136 7.69 -4.30 -11.82
CA GLY B 136 7.36 -2.95 -11.32
C GLY B 136 8.61 -2.29 -10.84
N ARG B 137 8.52 -1.03 -10.42
CA ARG B 137 9.69 -0.20 -10.05
C ARG B 137 9.49 0.30 -8.63
N VAL B 138 10.56 0.32 -7.83
CA VAL B 138 10.66 1.06 -6.54
C VAL B 138 11.84 2.02 -6.64
N THR B 139 11.66 3.26 -6.20
CA THR B 139 12.75 4.25 -6.05
C THR B 139 12.90 4.56 -4.57
N GLY B 140 14.15 4.51 -4.09
CA GLY B 140 14.54 4.95 -2.74
C GLY B 140 15.99 5.37 -2.71
N TRP B 141 16.50 5.63 -1.51
CA TRP B 141 17.92 5.88 -1.22
C TRP B 141 18.69 4.57 -1.12
N GLY B 142 19.80 4.44 -1.86
CA GLY B 142 20.66 3.24 -1.84
C GLY B 142 21.17 2.84 -0.47
N ASN B 143 21.48 1.55 -0.30
CA ASN B 143 21.95 1.02 1.00
C ASN B 143 23.38 0.51 0.88
N LEU B 144 24.34 1.19 1.52
CA LEU B 144 25.73 0.69 1.46
C LEU B 144 26.07 -0.04 2.77
N LYS B 154 23.36 1.32 4.95
CA LYS B 154 22.45 1.13 6.09
C LYS B 154 21.60 2.40 6.28
N GLY B 155 21.82 3.40 5.44
CA GLY B 155 21.09 4.67 5.52
C GLY B 155 20.75 5.23 4.17
N GLN B 156 21.31 6.39 3.83
CA GLN B 156 21.01 7.06 2.54
C GLN B 156 22.30 7.54 1.84
N PRO B 157 22.55 7.15 0.57
CA PRO B 157 23.46 7.85 -0.36
C PRO B 157 22.89 9.08 -1.08
N SER B 158 23.75 9.82 -1.79
CA SER B 158 23.39 11.12 -2.44
C SER B 158 22.34 10.94 -3.55
N VAL B 159 22.45 9.88 -4.35
CA VAL B 159 21.63 9.80 -5.61
C VAL B 159 20.55 8.72 -5.45
N LEU B 160 19.33 9.03 -5.88
CA LEU B 160 18.16 8.14 -5.74
C LEU B 160 18.39 6.83 -6.50
N GLN B 161 18.05 5.71 -5.90
CA GLN B 161 18.25 4.46 -6.65
C GLN B 161 16.89 3.95 -7.14
N VAL B 162 16.89 3.32 -8.30
CA VAL B 162 15.69 2.70 -8.94
C VAL B 162 16.00 1.22 -9.17
N VAL B 163 15.04 0.35 -8.88
CA VAL B 163 15.18 -1.13 -9.00
C VAL B 163 13.89 -1.68 -9.59
N ASN B 164 14.00 -2.55 -10.60
CA ASN B 164 12.82 -3.17 -11.27
C ASN B 164 12.74 -4.64 -10.85
N LEU B 165 11.62 -5.03 -10.21
CA LEU B 165 11.41 -6.36 -9.60
C LEU B 165 10.19 -7.03 -10.22
N PRO B 166 10.24 -8.34 -10.55
CA PRO B 166 9.10 -9.04 -11.12
C PRO B 166 8.16 -9.51 -10.00
N ILE B 167 6.86 -9.43 -10.23
CA ILE B 167 5.84 -10.03 -9.32
C ILE B 167 6.09 -11.54 -9.31
N VAL B 168 5.87 -12.17 -8.15
CA VAL B 168 6.14 -13.62 -7.91
C VAL B 168 4.81 -14.36 -7.72
N GLU B 169 4.78 -15.64 -8.12
CA GLU B 169 3.62 -16.55 -7.91
C GLU B 169 3.39 -16.72 -6.40
N ARG B 170 2.16 -16.51 -5.95
CA ARG B 170 1.71 -16.68 -4.55
C ARG B 170 2.33 -17.95 -3.96
N PRO B 171 2.29 -19.10 -4.68
CA PRO B 171 2.88 -20.34 -4.16
C PRO B 171 4.34 -20.18 -3.69
N VAL B 172 5.17 -19.45 -4.44
CA VAL B 172 6.62 -19.25 -4.10
C VAL B 172 6.69 -18.22 -2.96
N CYS B 173 5.87 -17.16 -3.03
CA CYS B 173 5.71 -16.18 -1.91
C CYS B 173 5.45 -17.01 -0.64
N LYS B 174 4.36 -17.78 -0.66
CA LYS B 174 3.87 -18.56 0.51
C LYS B 174 4.98 -19.43 1.08
N ASP B 175 5.66 -20.20 0.22
CA ASP B 175 6.61 -21.28 0.59
C ASP B 175 7.94 -20.63 1.03
N SER B 176 8.06 -19.30 0.96
CA SER B 176 9.31 -18.54 1.20
C SER B 176 9.33 -17.91 2.60
N THR B 177 8.27 -18.04 3.39
CA THR B 177 8.19 -17.36 4.72
C THR B 177 7.22 -18.13 5.61
N ARG B 178 7.36 -17.97 6.93
CA ARG B 178 6.49 -18.61 7.95
C ARG B 178 5.45 -17.59 8.47
N ILE B 179 5.40 -16.39 7.88
CA ILE B 179 4.33 -15.40 8.15
C ILE B 179 3.14 -15.72 7.25
N ARG B 180 1.94 -15.50 7.81
CA ARG B 180 0.63 -15.76 7.18
C ARG B 180 0.44 -14.62 6.18
N ILE B 181 0.50 -14.91 4.89
CA ILE B 181 0.34 -13.88 3.83
C ILE B 181 -1.12 -13.94 3.39
N THR B 182 -1.69 -12.81 2.95
CA THR B 182 -3.15 -12.66 2.69
C THR B 182 -3.37 -12.19 1.27
N ASP B 183 -4.62 -12.03 0.85
CA ASP B 183 -4.95 -11.44 -0.48
C ASP B 183 -4.54 -9.96 -0.53
N ASN B 184 -4.29 -9.32 0.61
CA ASN B 184 -4.03 -7.88 0.69
C ASN B 184 -2.54 -7.62 0.58
N MET B 185 -1.76 -8.66 0.30
CA MET B 185 -0.31 -8.51 0.03
C MET B 185 0.04 -9.28 -1.24
N PHE B 186 1.21 -8.99 -1.78
CA PHE B 186 1.84 -9.72 -2.89
C PHE B 186 3.33 -9.50 -2.76
N CYS B 187 4.12 -10.41 -3.31
CA CYS B 187 5.59 -10.34 -3.18
C CYS B 187 6.19 -10.12 -4.58
N ALA B 188 7.30 -9.39 -4.65
CA ALA B 188 8.06 -9.14 -5.89
C ALA B 188 9.53 -9.33 -5.60
N GLY B 189 10.25 -9.77 -6.63
CA GLY B 189 11.72 -9.83 -6.69
C GLY B 189 12.20 -11.02 -7.48
N TYR B 190 13.52 -11.23 -7.43
CA TYR B 190 14.24 -12.28 -8.17
C TYR B 190 14.42 -13.50 -7.25
N LYS B 191 14.13 -14.63 -7.92
CA LYS B 191 14.41 -16.02 -7.49
C LYS B 191 15.89 -16.28 -7.66
N PRO B 192 16.51 -17.14 -6.81
CA PRO B 192 17.94 -17.42 -6.92
C PRO B 192 18.25 -18.07 -8.28
N ASP B 193 19.23 -17.59 -8.98
CA ASP B 193 19.66 -18.03 -10.34
C ASP B 193 18.60 -17.62 -11.38
N GLU B 194 17.97 -16.45 -11.19
CA GLU B 194 17.38 -15.64 -12.29
C GLU B 194 18.49 -14.75 -12.85
N GLY B 195 19.59 -14.66 -12.04
CA GLY B 195 20.74 -13.79 -12.31
C GLY B 195 20.58 -12.44 -11.65
N LYS B 196 19.67 -11.62 -12.17
CA LYS B 196 19.32 -10.27 -11.63
C LYS B 196 18.92 -10.43 -10.16
N ARG B 197 19.31 -9.47 -9.31
CA ARG B 197 18.91 -9.39 -7.88
C ARG B 197 18.19 -8.08 -7.64
N GLY B 198 18.07 -7.65 -6.38
CA GLY B 198 17.50 -6.34 -6.01
C GLY B 198 16.37 -6.46 -5.01
N ASP B 199 16.21 -5.45 -4.16
CA ASP B 199 15.12 -5.35 -3.16
C ASP B 199 15.06 -3.90 -2.62
N ALA B 200 13.96 -3.55 -1.96
CA ALA B 200 13.85 -2.41 -1.03
C ALA B 200 14.36 -2.90 0.33
N CYS B 201 14.51 -1.97 1.28
CA CYS B 201 15.12 -2.30 2.58
C CYS B 201 14.54 -1.41 3.68
N GLU B 202 14.77 -1.78 4.93
CA GLU B 202 14.24 -1.03 6.09
C GLU B 202 14.93 0.33 6.19
N GLY B 203 14.27 1.40 5.73
CA GLY B 203 14.83 2.76 5.88
C GLY B 203 15.17 3.45 4.58
N ASP B 204 15.15 2.75 3.44
CA ASP B 204 15.53 3.41 2.17
C ASP B 204 14.39 4.29 1.67
N ALA B 205 13.24 4.27 2.33
CA ALA B 205 12.05 5.03 1.95
C ALA B 205 11.70 4.77 0.47
N GLY B 206 11.52 3.49 0.12
CA GLY B 206 11.12 3.01 -1.21
C GLY B 206 9.68 3.38 -1.56
N GLY B 207 8.75 3.16 -0.64
CA GLY B 207 7.35 3.64 -0.75
C GLY B 207 6.59 2.90 -1.84
N PRO B 208 6.16 3.59 -2.93
CA PRO B 208 5.35 2.96 -3.98
C PRO B 208 6.13 1.96 -4.84
N PHE B 209 5.52 0.81 -5.09
CA PHE B 209 5.80 -0.09 -6.24
C PHE B 209 4.87 0.29 -7.39
N VAL B 210 5.44 0.74 -8.52
CA VAL B 210 4.68 1.31 -9.67
C VAL B 210 4.93 0.49 -10.94
N MET B 211 3.99 0.57 -11.88
CA MET B 211 4.05 -0.14 -13.19
C MET B 211 3.49 0.77 -14.28
N LYS B 212 4.05 0.67 -15.48
CA LYS B 212 3.69 1.53 -16.63
C LYS B 212 2.70 0.76 -17.49
N SER B 213 1.45 1.22 -17.56
CA SER B 213 0.43 0.60 -18.42
C SER B 213 0.93 0.69 -19.86
N PRO B 214 0.98 -0.43 -20.61
CA PRO B 214 1.16 -0.34 -22.07
C PRO B 214 -0.09 0.12 -22.83
N PHE B 215 -1.25 0.20 -22.19
CA PHE B 215 -2.52 0.51 -22.89
C PHE B 215 -2.70 2.03 -22.97
N ASN B 216 -2.15 2.80 -22.02
CA ASN B 216 -2.36 4.27 -22.00
C ASN B 216 -1.10 5.01 -21.51
N ASN B 217 0.04 4.32 -21.39
CA ASN B 217 1.38 4.90 -21.08
C ASN B 217 1.41 5.58 -19.70
N ARG B 218 0.45 5.29 -18.82
CA ARG B 218 0.43 5.92 -17.47
C ARG B 218 1.10 5.00 -16.43
N TRP B 219 1.82 5.62 -15.50
CA TRP B 219 2.32 4.96 -14.27
C TRP B 219 1.17 4.83 -13.25
N TYR B 220 0.97 3.59 -12.79
CA TYR B 220 0.01 3.24 -11.71
C TYR B 220 0.80 2.70 -10.52
N GLN B 221 0.32 3.04 -9.31
CA GLN B 221 0.81 2.43 -8.05
C GLN B 221 0.02 1.16 -7.77
N MET B 222 0.67 0.00 -7.89
CA MET B 222 0.04 -1.33 -7.61
C MET B 222 0.41 -1.78 -6.20
N GLY B 223 1.49 -1.24 -5.64
CA GLY B 223 2.00 -1.73 -4.35
C GLY B 223 2.53 -0.63 -3.46
N ILE B 224 2.72 -0.98 -2.20
CA ILE B 224 3.39 -0.15 -1.17
C ILE B 224 4.43 -1.05 -0.50
N VAL B 225 5.63 -0.55 -0.28
CA VAL B 225 6.64 -1.34 0.48
C VAL B 225 6.00 -1.54 1.85
N SER B 226 6.03 -2.78 2.36
CA SER B 226 5.24 -3.23 3.53
C SER B 226 6.14 -3.99 4.51
N TRP B 227 6.63 -5.17 4.14
CA TRP B 227 7.57 -5.93 5.00
C TRP B 227 8.50 -6.83 4.20
N GLY B 228 9.55 -7.31 4.87
CA GLY B 228 10.53 -8.29 4.37
C GLY B 228 11.27 -8.93 5.53
N GLU B 229 12.11 -9.93 5.25
CA GLU B 229 12.95 -10.63 6.27
C GLU B 229 14.42 -10.44 5.88
N GLY B 230 15.04 -9.36 6.38
CA GLY B 230 16.35 -8.88 5.93
C GLY B 230 16.24 -8.10 4.64
N CYS B 231 17.20 -8.25 3.73
CA CYS B 231 17.29 -7.48 2.45
C CYS B 231 17.91 -8.31 1.33
N ASP B 232 17.36 -8.17 0.12
CA ASP B 232 17.92 -8.76 -1.12
C ASP B 232 18.49 -10.15 -0.80
N ARG B 233 17.66 -11.06 -0.28
CA ARG B 233 18.10 -12.46 0.01
C ARG B 233 17.57 -13.40 -1.09
N ASP B 234 18.34 -14.47 -1.24
CA ASP B 234 18.02 -15.59 -2.15
C ASP B 234 16.91 -16.39 -1.48
N GLY B 235 15.84 -16.68 -2.23
CA GLY B 235 14.65 -17.43 -1.77
C GLY B 235 13.76 -16.59 -0.88
N LYS B 236 14.05 -15.29 -0.79
CA LYS B 236 13.26 -14.27 -0.04
C LYS B 236 12.85 -13.17 -1.03
N TYR B 237 11.72 -12.53 -0.72
CA TYR B 237 11.03 -11.55 -1.59
C TYR B 237 10.47 -10.45 -0.71
N GLY B 238 10.56 -9.20 -1.16
CA GLY B 238 9.86 -8.08 -0.50
C GLY B 238 8.36 -8.26 -0.61
N PHE B 239 7.59 -7.90 0.43
CA PHE B 239 6.11 -7.95 0.42
C PHE B 239 5.53 -6.54 0.26
N TYR B 240 4.53 -6.44 -0.60
CA TYR B 240 3.92 -5.15 -1.00
C TYR B 240 2.42 -5.18 -0.71
N THR B 241 1.91 -4.20 0.03
CA THR B 241 0.46 -3.96 0.21
C THR B 241 -0.25 -3.93 -1.16
N HIS B 242 -1.29 -4.75 -1.32
CA HIS B 242 -2.07 -4.86 -2.58
C HIS B 242 -3.04 -3.67 -2.69
N VAL B 243 -2.61 -2.60 -3.34
CA VAL B 243 -3.31 -1.29 -3.31
C VAL B 243 -4.72 -1.44 -3.87
N PHE B 244 -4.85 -2.12 -5.01
CA PHE B 244 -6.13 -2.25 -5.74
C PHE B 244 -7.20 -2.86 -4.84
N ARG B 245 -6.84 -3.94 -4.15
CA ARG B 245 -7.76 -4.71 -3.29
C ARG B 245 -8.16 -3.86 -2.09
N LEU B 246 -7.47 -2.75 -1.86
CA LEU B 246 -7.77 -1.84 -0.72
C LEU B 246 -8.36 -0.54 -1.23
N LYS B 247 -8.73 -0.45 -2.51
CA LYS B 247 -9.12 0.84 -3.14
C LYS B 247 -10.40 1.38 -2.51
N LYS B 248 -11.37 0.51 -2.20
CA LYS B 248 -12.71 0.90 -1.66
C LYS B 248 -12.50 1.65 -0.35
N TRP B 249 -11.54 1.23 0.47
CA TRP B 249 -11.21 1.94 1.75
C TRP B 249 -10.75 3.35 1.41
N ILE B 250 -9.80 3.49 0.48
CA ILE B 250 -9.21 4.79 0.07
C ILE B 250 -10.35 5.72 -0.38
N GLN B 251 -11.21 5.23 -1.26
CA GLN B 251 -12.39 5.98 -1.79
C GLN B 251 -13.26 6.43 -0.62
N LYS B 252 -13.45 5.58 0.39
CA LYS B 252 -14.45 5.84 1.45
C LYS B 252 -13.88 6.90 2.41
N VAL B 253 -12.60 6.83 2.73
CA VAL B 253 -11.96 7.87 3.58
C VAL B 253 -12.07 9.21 2.86
N ILE B 254 -11.68 9.24 1.58
CA ILE B 254 -11.58 10.50 0.80
C ILE B 254 -12.99 11.05 0.53
N ASP B 255 -13.90 10.28 -0.07
CA ASP B 255 -15.22 10.77 -0.53
C ASP B 255 -16.07 11.22 0.68
N GLN B 256 -15.70 10.86 1.92
CA GLN B 256 -16.49 11.14 3.15
C GLN B 256 -15.72 12.09 4.09
N PHE B 257 -14.66 12.73 3.58
CA PHE B 257 -13.78 13.67 4.35
C PHE B 257 -14.56 14.91 4.80
#